data_6T7Y
#
_entry.id   6T7Y
#
_cell.length_a   140.736
_cell.length_b   140.736
_cell.length_c   38.521
_cell.angle_alpha   90.000
_cell.angle_beta   90.000
_cell.angle_gamma   120.000
#
_symmetry.space_group_name_H-M   'H 3'
#
loop_
_entity.id
_entity.type
_entity.pdbx_description
1 polymer 'DNA polymerase sliding clamp'
2 polymer 'cPIP motif from the DP2 large subunit of PolD'
3 water water
#
loop_
_entity_poly.entity_id
_entity_poly.type
_entity_poly.pdbx_seq_one_letter_code
_entity_poly.pdbx_strand_id
1 'polypeptide(L)'
;MRGSHHHHHHGSMPFEIVFEGAKEFAQLIETASRLIDEAAFKVTEEGISMRAMDPSRVVLIDLNLPASIFSKYEVDGEET
IGVNMDHLKKVLKRGKAKETLILRKGEENFLEISLQGTATRTFKLPLIDVEEIEVDLPELPFTAKVVILGDVIKEAVKDA
SLVSDSMKFIAKENEFTMRAEGETQEVEVKLTLEDEGLLDIEVQEETKSAYGISYLSDMVKGLGKADEVTIKFGNEMPMQ
MEYYIRDEGRLIFLLAPRVEE
;
A
2 'polypeptide(L)' KKRVISLEEFFS B
#
# COMPACT_ATOMS: atom_id res chain seq x y z
N PRO A 14 -4.45 -15.74 21.56
CA PRO A 14 -5.72 -15.52 22.29
C PRO A 14 -6.27 -14.07 22.25
N PHE A 15 -6.38 -13.49 21.04
CA PHE A 15 -6.66 -12.08 20.84
C PHE A 15 -8.07 -11.78 20.39
N GLU A 16 -8.53 -10.56 20.66
CA GLU A 16 -9.83 -10.09 20.15
C GLU A 16 -9.64 -8.64 19.70
N ILE A 17 -9.83 -8.37 18.41
CA ILE A 17 -9.53 -7.08 17.80
C ILE A 17 -10.74 -6.56 17.04
N VAL A 18 -11.24 -5.38 17.38
CA VAL A 18 -12.46 -4.86 16.73
C VAL A 18 -12.24 -3.56 15.98
N PHE A 19 -12.52 -3.55 14.67
CA PHE A 19 -12.38 -2.37 13.80
C PHE A 19 -13.71 -1.90 13.28
N GLU A 20 -14.03 -0.61 13.44
CA GLU A 20 -15.24 -0.03 12.87
C GLU A 20 -14.98 0.20 11.37
N GLY A 21 -16.03 0.45 10.59
CA GLY A 21 -15.83 0.68 9.17
C GLY A 21 -15.10 -0.46 8.47
N ALA A 22 -15.71 -1.64 8.52
CA ALA A 22 -15.14 -2.86 7.95
C ALA A 22 -14.84 -2.83 6.44
N LYS A 23 -15.68 -2.17 5.64
CA LYS A 23 -15.45 -2.11 4.19
C LYS A 23 -14.09 -1.44 3.99
N GLU A 24 -13.86 -0.40 4.77
CA GLU A 24 -12.57 0.33 4.79
C GLU A 24 -11.44 -0.70 5.04
N PHE A 25 -11.56 -1.55 6.08
CA PHE A 25 -10.50 -2.52 6.43
C PHE A 25 -10.24 -3.51 5.23
N ALA A 26 -11.33 -3.90 4.55
CA ALA A 26 -11.22 -4.84 3.40
C ALA A 26 -10.38 -4.17 2.33
N GLN A 27 -10.61 -2.86 2.08
CA GLN A 27 -9.90 -2.06 1.08
C GLN A 27 -8.37 -2.16 1.27
N LEU A 28 -7.88 -1.88 2.48
CA LEU A 28 -6.46 -1.86 2.80
C LEU A 28 -5.87 -3.24 2.50
N ILE A 29 -6.55 -4.29 2.94
CA ILE A 29 -6.10 -5.65 2.74
C ILE A 29 -6.15 -5.95 1.24
N GLU A 30 -7.24 -5.55 0.47
CA GLU A 30 -7.35 -5.74 -0.94
C GLU A 30 -6.15 -5.04 -1.69
N THR A 31 -5.75 -3.81 -1.31
CA THR A 31 -4.38 -3.38 -1.70
C THR A 31 -3.27 -4.42 -1.46
N ALA A 32 -2.77 -4.63 -0.24
CA ALA A 32 -1.86 -5.68 0.02
C ALA A 32 -2.06 -7.03 -0.70
N SER A 33 -3.29 -7.42 -0.97
CA SER A 33 -3.54 -8.67 -1.72
C SER A 33 -3.09 -8.55 -3.23
N ARG A 34 -2.95 -7.33 -3.73
CA ARG A 34 -2.95 -7.14 -5.22
C ARG A 34 -1.58 -7.55 -5.83
N LEU A 35 -0.55 -7.59 -4.98
CA LEU A 35 0.85 -7.82 -5.40
C LEU A 35 1.46 -9.04 -4.72
N ILE A 36 1.03 -9.31 -3.50
CA ILE A 36 1.48 -10.57 -2.85
C ILE A 36 0.42 -11.65 -2.76
N ASP A 37 0.79 -12.94 -2.69
CA ASP A 37 -0.19 -14.05 -2.67
C ASP A 37 -0.38 -14.50 -1.21
N GLU A 38 0.66 -14.36 -0.39
CA GLU A 38 0.58 -14.65 1.03
C GLU A 38 1.30 -13.53 1.87
N ALA A 39 1.00 -13.55 3.14
CA ALA A 39 1.43 -12.49 4.05
C ALA A 39 1.40 -12.96 5.49
N ALA A 40 2.27 -12.36 6.29
CA ALA A 40 2.38 -12.59 7.71
C ALA A 40 1.69 -11.38 8.38
N PHE A 41 0.94 -11.66 9.43
CA PHE A 41 0.37 -10.63 10.26
C PHE A 41 1.01 -10.85 11.60
N LYS A 42 1.81 -9.91 12.09
CA LYS A 42 2.30 -9.93 13.45
C LYS A 42 1.27 -9.16 14.30
N VAL A 43 0.56 -9.84 15.17
CA VAL A 43 -0.22 -9.24 16.22
C VAL A 43 0.68 -9.04 17.48
N THR A 44 0.63 -7.84 18.02
CA THR A 44 1.32 -7.48 19.29
C THR A 44 0.44 -6.46 20.00
N GLU A 45 0.75 -6.17 21.28
CA GLU A 45 -0.04 -5.23 22.11
C GLU A 45 0.14 -3.79 21.59
N GLU A 46 1.23 -3.55 20.84
CA GLU A 46 1.36 -2.30 20.04
C GLU A 46 0.24 -2.18 19.00
N GLY A 47 0.30 -3.05 18.02
CA GLY A 47 -0.69 -3.09 16.94
C GLY A 47 -0.47 -4.31 16.04
N ILE A 48 -1.06 -4.23 14.83
CA ILE A 48 -0.92 -5.24 13.83
C ILE A 48 0.06 -4.80 12.73
N SER A 49 0.88 -5.72 12.29
CA SER A 49 1.92 -5.44 11.28
C SER A 49 1.82 -6.47 10.17
N MET A 50 2.01 -6.03 8.93
CA MET A 50 2.18 -6.92 7.78
C MET A 50 3.38 -6.45 6.98
N ARG A 51 4.30 -7.40 6.73
CA ARG A 51 5.49 -7.17 5.95
C ARG A 51 5.73 -8.31 4.96
N ALA A 52 6.06 -7.97 3.72
CA ALA A 52 5.93 -8.91 2.61
C ALA A 52 6.40 -8.36 1.31
N MET A 53 6.92 -9.26 0.47
CA MET A 53 7.47 -8.99 -0.86
C MET A 53 6.79 -9.84 -1.88
N ASP A 54 6.51 -9.23 -3.02
CA ASP A 54 5.84 -9.92 -4.11
C ASP A 54 6.71 -11.08 -4.62
N PRO A 55 6.14 -12.01 -5.42
CA PRO A 55 6.96 -13.21 -5.88
C PRO A 55 8.34 -12.81 -6.47
N SER A 56 8.36 -11.78 -7.30
CA SER A 56 9.61 -11.38 -8.03
C SER A 56 10.48 -10.34 -7.24
N ARG A 57 10.25 -10.15 -5.94
CA ARG A 57 11.05 -9.31 -5.07
C ARG A 57 11.36 -7.91 -5.66
N VAL A 58 10.39 -7.33 -6.38
CA VAL A 58 10.50 -6.01 -6.97
C VAL A 58 9.78 -4.97 -6.10
N VAL A 59 8.66 -5.37 -5.47
CA VAL A 59 7.98 -4.56 -4.44
C VAL A 59 7.97 -5.13 -3.00
N LEU A 60 7.94 -4.22 -2.03
CA LEU A 60 7.94 -4.58 -0.62
C LEU A 60 6.84 -3.76 0.05
N ILE A 61 5.92 -4.46 0.75
CA ILE A 61 4.81 -3.84 1.45
C ILE A 61 5.05 -3.85 2.97
N ASP A 62 4.79 -2.74 3.62
CA ASP A 62 4.81 -2.61 5.06
C ASP A 62 3.47 -1.90 5.47
N LEU A 63 2.65 -2.65 6.19
CA LEU A 63 1.38 -2.14 6.74
C LEU A 63 1.58 -2.01 8.29
N ASN A 64 1.27 -0.85 8.84
CA ASN A 64 1.23 -0.73 10.31
C ASN A 64 -0.12 -0.26 10.77
N LEU A 65 -0.84 -1.09 11.49
CA LEU A 65 -2.16 -0.77 12.04
C LEU A 65 -2.05 -0.78 13.59
N PRO A 66 -1.91 0.40 14.17
CA PRO A 66 -1.71 0.54 15.62
C PRO A 66 -3.03 0.47 16.41
N ALA A 67 -2.99 -0.17 17.60
CA ALA A 67 -4.09 -0.24 18.53
C ALA A 67 -5.15 0.86 18.48
N SER A 68 -4.76 2.13 18.44
CA SER A 68 -5.73 3.26 18.53
C SER A 68 -6.88 3.21 17.52
N ILE A 69 -6.63 2.65 16.30
CA ILE A 69 -7.62 2.65 15.21
C ILE A 69 -8.71 1.57 15.39
N PHE A 70 -8.52 0.67 16.39
CA PHE A 70 -9.49 -0.31 16.81
C PHE A 70 -10.34 0.20 18.00
N SER A 71 -11.63 -0.16 18.00
CA SER A 71 -12.56 0.15 19.08
C SER A 71 -12.37 -0.78 20.31
N LYS A 72 -11.82 -1.98 20.08
CA LYS A 72 -11.37 -2.89 21.10
C LYS A 72 -10.11 -3.60 20.55
N TYR A 73 -9.13 -3.70 21.40
CA TYR A 73 -7.84 -4.28 21.05
C TYR A 73 -7.32 -5.08 22.28
N GLU A 74 -7.66 -6.37 22.32
CA GLU A 74 -7.22 -7.27 23.41
C GLU A 74 -6.23 -8.34 22.91
N VAL A 75 -4.93 -8.07 22.98
CA VAL A 75 -3.88 -8.97 22.57
C VAL A 75 -3.24 -9.45 23.88
N ASP A 76 -2.83 -10.72 23.88
CA ASP A 76 -2.05 -11.34 24.98
C ASP A 76 -0.65 -11.74 24.48
N GLY A 77 0.32 -10.81 24.53
CA GLY A 77 1.70 -11.11 24.12
C GLY A 77 1.96 -10.86 22.64
N GLU A 78 2.62 -11.85 21.94
CA GLU A 78 2.82 -11.79 20.49
C GLU A 78 2.71 -13.19 19.82
N GLU A 79 1.99 -13.25 18.69
CA GLU A 79 2.00 -14.35 17.72
C GLU A 79 1.89 -13.83 16.27
N THR A 80 2.05 -14.75 15.34
CA THR A 80 2.17 -14.44 13.91
C THR A 80 1.26 -15.28 13.03
N ILE A 81 0.15 -14.66 12.61
CA ILE A 81 -0.79 -15.27 11.67
C ILE A 81 -0.33 -15.25 10.20
N GLY A 82 -0.41 -16.39 9.53
CA GLY A 82 -0.27 -16.43 8.08
C GLY A 82 -1.60 -16.89 7.45
N VAL A 83 -2.04 -16.24 6.40
CA VAL A 83 -3.36 -16.54 5.80
C VAL A 83 -3.26 -16.58 4.28
N ASN A 84 -4.15 -17.37 3.65
CA ASN A 84 -4.38 -17.31 2.20
C ASN A 84 -4.98 -15.91 1.92
N MET A 85 -4.24 -14.97 1.31
CA MET A 85 -4.73 -13.59 1.14
C MET A 85 -5.94 -13.59 0.17
N ASP A 86 -6.03 -14.55 -0.76
CA ASP A 86 -7.19 -14.60 -1.65
C ASP A 86 -8.42 -14.87 -0.81
N HIS A 87 -8.41 -15.92 0.01
CA HIS A 87 -9.55 -16.32 0.82
C HIS A 87 -9.86 -15.22 1.82
N LEU A 88 -8.84 -14.50 2.34
CA LEU A 88 -9.05 -13.38 3.26
C LEU A 88 -9.73 -12.19 2.52
N LYS A 89 -9.17 -11.83 1.36
CA LYS A 89 -9.73 -10.79 0.48
C LYS A 89 -11.29 -11.10 0.31
N LYS A 90 -11.64 -12.32 -0.11
CA LYS A 90 -13.01 -12.69 -0.40
C LYS A 90 -13.90 -12.62 0.85
N VAL A 91 -13.41 -13.05 2.01
CA VAL A 91 -14.19 -12.92 3.25
C VAL A 91 -14.31 -11.39 3.52
N LEU A 92 -13.22 -10.64 3.69
CA LEU A 92 -13.29 -9.21 3.98
C LEU A 92 -14.14 -8.39 3.02
N LYS A 93 -14.25 -8.77 1.76
CA LYS A 93 -15.13 -8.07 0.72
C LYS A 93 -16.61 -8.12 1.14
N ARG A 94 -16.95 -9.10 1.97
CA ARG A 94 -18.36 -9.39 2.44
C ARG A 94 -18.83 -8.31 3.42
N GLY A 95 -17.94 -7.66 4.15
CA GLY A 95 -18.27 -6.58 5.02
C GLY A 95 -18.88 -5.39 4.28
N LYS A 96 -19.92 -4.85 4.92
CA LYS A 96 -20.61 -3.64 4.49
C LYS A 96 -19.79 -2.45 5.01
N ALA A 97 -20.04 -1.26 4.48
CA ALA A 97 -19.28 -0.07 4.88
C ALA A 97 -19.39 0.34 6.37
N LYS A 98 -20.60 0.29 6.93
CA LYS A 98 -20.81 0.70 8.33
C LYS A 98 -20.73 -0.44 9.35
N GLU A 99 -20.49 -1.65 8.87
CA GLU A 99 -20.43 -2.86 9.70
C GLU A 99 -19.12 -2.96 10.52
N THR A 100 -19.22 -3.71 11.61
CA THR A 100 -18.13 -3.89 12.54
C THR A 100 -17.43 -5.20 12.22
N LEU A 101 -16.09 -5.11 12.14
CA LEU A 101 -15.18 -6.24 11.97
C LEU A 101 -14.56 -6.63 13.31
N ILE A 102 -14.71 -7.93 13.70
CA ILE A 102 -14.03 -8.54 14.85
C ILE A 102 -13.13 -9.68 14.29
N LEU A 103 -11.84 -9.54 14.63
CA LEU A 103 -10.82 -10.57 14.44
C LEU A 103 -10.48 -11.25 15.76
N ARG A 104 -10.35 -12.62 15.72
CA ARG A 104 -10.22 -13.47 16.88
C ARG A 104 -9.34 -14.68 16.66
N LYS A 105 -8.54 -15.03 17.65
CA LYS A 105 -7.71 -16.24 17.57
C LYS A 105 -7.64 -16.95 18.92
N GLY A 106 -8.02 -18.23 18.87
CA GLY A 106 -7.99 -19.15 19.98
C GLY A 106 -6.75 -20.03 19.83
N GLU A 107 -6.67 -21.09 20.62
CA GLU A 107 -5.53 -22.00 20.56
C GLU A 107 -5.42 -22.68 19.19
N GLU A 108 -6.55 -23.06 18.61
CA GLU A 108 -6.58 -23.72 17.31
C GLU A 108 -6.10 -22.84 16.17
N ASN A 109 -5.43 -23.43 15.20
CA ASN A 109 -4.90 -22.69 14.06
C ASN A 109 -6.04 -22.17 13.14
N PHE A 110 -6.72 -21.10 13.53
CA PHE A 110 -7.85 -20.55 12.79
C PHE A 110 -7.95 -19.06 13.09
N LEU A 111 -8.32 -18.29 12.07
CA LEU A 111 -8.68 -16.90 12.28
C LEU A 111 -10.22 -16.82 12.30
N GLU A 112 -10.84 -16.36 13.40
CA GLU A 112 -12.27 -16.13 13.34
C GLU A 112 -12.39 -14.68 12.85
N ILE A 113 -13.09 -14.47 11.73
CA ILE A 113 -13.45 -13.14 11.25
C ILE A 113 -14.97 -13.03 11.42
N SER A 114 -15.45 -12.06 12.16
CA SER A 114 -16.90 -11.77 12.17
C SER A 114 -17.22 -10.35 11.71
N LEU A 115 -18.24 -10.24 10.88
CA LEU A 115 -18.92 -8.99 10.51
C LEU A 115 -20.25 -8.89 11.23
N GLN A 116 -20.50 -7.75 11.91
CA GLN A 116 -21.83 -7.58 12.50
C GLN A 116 -22.70 -6.47 11.84
N GLY A 117 -23.92 -6.86 11.46
CA GLY A 117 -24.94 -5.90 11.10
C GLY A 117 -26.31 -6.43 11.50
N THR A 118 -27.18 -6.54 10.51
CA THR A 118 -28.60 -7.01 10.73
C THR A 118 -28.50 -8.37 11.47
N ALA A 119 -27.42 -9.09 11.17
CA ALA A 119 -27.15 -10.40 11.75
C ALA A 119 -25.65 -10.58 11.90
N THR A 120 -25.10 -11.41 12.76
CA THR A 120 -23.63 -11.56 12.79
C THR A 120 -23.17 -12.80 12.07
N ARG A 121 -22.20 -12.66 11.19
CA ARG A 121 -21.66 -13.80 10.46
C ARG A 121 -20.19 -14.01 10.81
N THR A 122 -19.82 -15.25 11.15
CA THR A 122 -18.45 -15.57 11.52
C THR A 122 -17.82 -16.55 10.54
N PHE A 123 -16.62 -16.23 10.07
CA PHE A 123 -15.90 -17.08 9.12
C PHE A 123 -14.58 -17.56 9.72
N LYS A 124 -14.34 -18.86 9.64
CA LYS A 124 -13.14 -19.43 10.16
C LYS A 124 -12.19 -19.72 9.02
N LEU A 125 -10.99 -19.21 9.07
CA LEU A 125 -10.01 -19.44 8.03
C LEU A 125 -8.72 -20.06 8.63
N PRO A 126 -8.24 -21.23 8.08
CA PRO A 126 -7.06 -21.85 8.70
C PRO A 126 -5.87 -20.93 8.64
N LEU A 127 -4.96 -21.04 9.62
CA LEU A 127 -3.64 -20.40 9.47
C LEU A 127 -2.75 -21.30 8.64
N ILE A 128 -1.82 -20.75 7.87
CA ILE A 128 -0.89 -21.50 7.06
C ILE A 128 0.51 -21.06 7.51
N ASP A 129 1.57 -21.54 6.84
CA ASP A 129 2.96 -21.25 7.26
C ASP A 129 3.47 -19.87 6.76
N VAL A 130 4.05 -19.12 7.69
CA VAL A 130 4.73 -17.86 7.43
C VAL A 130 5.97 -17.99 6.49
N GLU A 131 6.10 -17.07 5.52
CA GLU A 131 7.25 -17.00 4.58
C GLU A 131 7.44 -18.27 3.76
N LEU A 140 17.51 4.30 3.08
CA LEU A 140 17.98 4.60 1.72
C LEU A 140 18.29 6.09 1.53
N PRO A 141 19.39 6.42 0.80
CA PRO A 141 19.74 7.86 0.60
C PRO A 141 18.82 8.57 -0.43
N PHE A 142 17.59 8.88 0.01
CA PHE A 142 16.58 9.46 -0.89
C PHE A 142 16.89 10.94 -1.11
N THR A 143 17.30 11.22 -2.36
CA THR A 143 17.41 12.58 -2.89
C THR A 143 16.14 13.44 -2.78
N ALA A 144 15.11 13.02 -3.53
CA ALA A 144 13.86 13.79 -3.67
C ALA A 144 12.77 13.26 -2.74
N LYS A 145 11.96 14.13 -2.20
CA LYS A 145 10.74 13.78 -1.47
C LYS A 145 9.64 14.69 -1.99
N VAL A 146 8.52 14.12 -2.46
CA VAL A 146 7.36 14.81 -2.94
C VAL A 146 6.12 14.37 -2.14
N VAL A 147 5.31 15.33 -1.74
CA VAL A 147 3.92 15.08 -1.26
C VAL A 147 2.91 15.50 -2.35
N ILE A 148 1.88 14.73 -2.53
CA ILE A 148 1.01 14.83 -3.75
C ILE A 148 -0.37 14.29 -3.41
N LEU A 149 -1.45 14.91 -3.91
CA LEU A 149 -2.78 14.39 -3.66
C LEU A 149 -2.87 13.02 -4.37
N GLY A 150 -3.71 12.19 -3.78
CA GLY A 150 -4.06 10.84 -4.29
C GLY A 150 -4.60 10.85 -5.68
N ASP A 151 -5.50 11.76 -6.05
CA ASP A 151 -5.99 11.78 -7.44
C ASP A 151 -4.81 12.02 -8.45
N VAL A 152 -3.96 13.03 -8.25
CA VAL A 152 -2.97 13.38 -9.29
C VAL A 152 -2.19 12.11 -9.79
N ILE A 153 -1.59 11.38 -8.85
CA ILE A 153 -0.76 10.21 -9.13
C ILE A 153 -1.63 9.04 -9.68
N LYS A 154 -2.85 8.89 -9.19
CA LYS A 154 -3.69 7.82 -9.71
C LYS A 154 -3.92 8.10 -11.20
N GLU A 155 -4.18 9.37 -11.51
CA GLU A 155 -4.41 9.80 -12.89
C GLU A 155 -3.18 9.67 -13.81
N ALA A 156 -2.01 10.05 -13.29
CA ALA A 156 -0.78 9.99 -14.07
C ALA A 156 -0.41 8.57 -14.47
N VAL A 157 -0.59 7.65 -13.53
CA VAL A 157 -0.31 6.25 -13.74
C VAL A 157 -1.22 5.71 -14.79
N LYS A 158 -2.53 6.04 -14.68
CA LYS A 158 -3.52 5.60 -15.66
C LYS A 158 -3.28 6.28 -17.00
N ASP A 159 -2.89 7.57 -17.03
CA ASP A 159 -2.55 8.24 -18.28
C ASP A 159 -1.37 7.57 -19.01
N ALA A 160 -0.31 7.23 -18.25
CA ALA A 160 0.96 6.66 -18.69
C ALA A 160 0.77 5.24 -19.23
N SER A 161 -0.18 4.50 -18.66
CA SER A 161 -0.43 3.11 -19.05
C SER A 161 -0.92 3.11 -20.47
N LEU A 162 -1.59 4.21 -20.93
CA LEU A 162 -2.07 4.27 -22.31
C LEU A 162 -0.96 4.27 -23.38
N VAL A 163 0.26 4.66 -23.03
CA VAL A 163 1.34 4.84 -23.96
C VAL A 163 2.55 3.95 -23.70
N SER A 164 2.75 3.44 -22.47
CA SER A 164 3.95 2.66 -22.20
C SER A 164 3.81 1.70 -21.04
N ASP A 165 4.75 0.79 -20.82
CA ASP A 165 4.68 -0.15 -19.66
C ASP A 165 5.48 0.49 -18.50
N SER A 166 6.09 1.65 -18.69
CA SER A 166 6.84 2.30 -17.61
C SER A 166 6.66 3.79 -17.60
N MET A 167 6.90 4.38 -16.43
CA MET A 167 6.75 5.79 -16.11
C MET A 167 8.07 6.29 -15.46
N LYS A 168 8.48 7.47 -15.87
CA LYS A 168 9.64 8.20 -15.34
C LYS A 168 9.14 9.22 -14.31
N PHE A 169 9.89 9.39 -13.25
CA PHE A 169 9.68 10.42 -12.22
C PHE A 169 10.92 11.32 -12.25
N ILE A 170 10.70 12.61 -12.40
CA ILE A 170 11.81 13.57 -12.47
C ILE A 170 11.54 14.75 -11.49
N ALA A 171 12.50 15.00 -10.61
CA ALA A 171 12.34 16.07 -9.66
C ALA A 171 13.53 17.04 -9.74
N LYS A 172 13.29 18.27 -10.18
CA LYS A 172 14.20 19.39 -10.05
C LYS A 172 13.58 20.26 -8.94
N GLU A 173 14.28 21.35 -8.57
CA GLU A 173 13.98 22.15 -7.43
C GLU A 173 12.72 22.92 -7.86
N ASN A 174 11.71 22.87 -7.01
CA ASN A 174 10.42 23.60 -7.18
C ASN A 174 9.50 23.06 -8.28
N GLU A 175 9.82 21.91 -8.93
CA GLU A 175 8.97 21.39 -10.05
C GLU A 175 9.07 19.83 -10.09
N PHE A 176 7.97 19.18 -10.33
CA PHE A 176 7.88 17.72 -10.25
C PHE A 176 7.20 17.16 -11.51
N THR A 177 7.89 16.27 -12.20
CA THR A 177 7.31 15.69 -13.45
C THR A 177 7.28 14.17 -13.45
N MET A 178 6.15 13.61 -13.87
CA MET A 178 5.99 12.24 -14.31
C MET A 178 5.68 12.31 -15.78
N ARG A 179 6.43 11.43 -16.47
CA ARG A 179 6.33 11.30 -17.90
C ARG A 179 6.50 9.85 -18.37
N ALA A 180 5.89 9.51 -19.49
CA ALA A 180 6.09 8.19 -20.15
C ALA A 180 5.94 8.40 -21.64
N GLU A 181 6.56 7.48 -22.41
CA GLU A 181 6.74 7.59 -23.87
C GLU A 181 6.59 6.20 -24.38
N GLY A 182 5.97 6.06 -25.52
CA GLY A 182 5.86 4.73 -26.19
C GLY A 182 6.53 4.81 -27.54
N GLU A 183 6.16 3.92 -28.45
CA GLU A 183 6.61 4.04 -29.84
C GLU A 183 6.03 5.38 -30.31
N THR A 184 4.73 5.43 -30.64
CA THR A 184 4.13 6.66 -31.25
C THR A 184 3.88 7.80 -30.21
N GLN A 185 3.08 7.46 -29.19
CA GLN A 185 2.55 8.52 -28.29
C GLN A 185 3.37 8.72 -27.01
N GLU A 186 3.18 9.89 -26.39
CA GLU A 186 3.95 10.36 -25.20
C GLU A 186 2.98 11.03 -24.18
N VAL A 187 3.31 10.95 -22.89
CA VAL A 187 2.50 11.64 -21.84
C VAL A 187 3.50 12.33 -20.90
N GLU A 188 3.09 13.46 -20.32
CA GLU A 188 3.84 14.26 -19.36
C GLU A 188 2.84 15.04 -18.50
N VAL A 189 3.04 14.99 -17.17
CA VAL A 189 2.24 15.73 -16.18
C VAL A 189 3.24 16.56 -15.33
N LYS A 190 3.28 17.86 -15.55
CA LYS A 190 4.11 18.79 -14.73
C LYS A 190 3.31 19.16 -13.47
N LEU A 191 4.03 19.33 -12.33
CA LEU A 191 3.57 20.10 -11.15
C LEU A 191 4.72 20.98 -10.57
N THR A 192 4.41 22.26 -10.29
CA THR A 192 5.21 23.16 -9.49
C THR A 192 4.37 23.40 -8.23
N LEU A 193 4.94 24.07 -7.23
CA LEU A 193 4.18 24.33 -6.01
C LEU A 193 2.87 25.11 -6.23
N GLU A 194 2.76 25.78 -7.39
CA GLU A 194 1.50 26.43 -7.83
C GLU A 194 0.38 25.43 -8.13
N ASP A 195 0.77 24.26 -8.63
CA ASP A 195 -0.21 23.28 -9.10
C ASP A 195 -1.01 22.75 -7.90
N GLU A 196 -2.32 22.59 -8.12
CA GLU A 196 -3.26 22.54 -7.03
C GLU A 196 -3.13 21.29 -6.13
N GLY A 197 -2.70 20.15 -6.70
CA GLY A 197 -2.56 18.91 -5.99
C GLY A 197 -1.16 18.50 -5.56
N LEU A 198 -0.11 19.27 -5.85
CA LEU A 198 1.20 19.17 -5.12
C LEU A 198 1.25 19.98 -3.78
N LEU A 199 0.98 19.30 -2.64
CA LEU A 199 1.21 19.89 -1.31
C LEU A 199 2.68 20.31 -1.03
N ASP A 200 3.63 19.40 -1.24
CA ASP A 200 5.03 19.67 -0.86
C ASP A 200 6.07 19.02 -1.77
N ILE A 201 7.17 19.71 -2.00
CA ILE A 201 8.38 19.10 -2.63
C ILE A 201 9.72 19.56 -1.98
N GLU A 202 10.62 18.58 -1.81
CA GLU A 202 11.90 18.77 -1.12
C GLU A 202 13.08 18.07 -1.83
N VAL A 203 13.63 18.62 -2.92
CA VAL A 203 14.74 17.88 -3.58
C VAL A 203 16.20 18.40 -3.48
N GLN A 204 17.09 17.59 -2.93
CA GLN A 204 18.49 17.99 -2.75
C GLN A 204 19.23 18.23 -4.07
N GLU A 205 18.98 17.37 -5.04
CA GLU A 205 19.62 17.45 -6.35
C GLU A 205 18.65 16.91 -7.40
N GLU A 206 19.00 17.08 -8.68
CA GLU A 206 18.15 16.59 -9.74
C GLU A 206 18.01 15.09 -9.55
N THR A 207 16.78 14.59 -9.66
CA THR A 207 16.51 13.17 -9.39
C THR A 207 15.63 12.59 -10.51
N LYS A 208 16.09 11.49 -11.11
CA LYS A 208 15.38 10.86 -12.23
C LYS A 208 15.39 9.33 -12.09
N SER A 209 14.20 8.71 -12.11
CA SER A 209 14.08 7.27 -12.00
C SER A 209 12.84 6.77 -12.77
N ALA A 210 12.84 5.53 -13.19
CA ALA A 210 11.71 4.96 -13.93
C ALA A 210 11.21 3.67 -13.30
N TYR A 211 9.89 3.48 -13.28
CA TYR A 211 9.22 2.37 -12.53
C TYR A 211 8.17 1.69 -13.42
N GLY A 212 7.93 0.40 -13.22
CA GLY A 212 6.95 -0.29 -14.09
C GLY A 212 5.54 0.13 -13.69
N ILE A 213 4.68 0.32 -14.69
CA ILE A 213 3.30 0.76 -14.52
C ILE A 213 2.41 -0.31 -13.88
N SER A 214 2.57 -1.58 -14.23
CA SER A 214 1.77 -2.68 -13.61
C SER A 214 1.79 -2.58 -12.08
N TYR A 215 2.99 -2.39 -11.49
CA TYR A 215 3.13 -2.23 -10.03
C TYR A 215 2.53 -0.93 -9.57
N LEU A 216 2.81 0.20 -10.24
CA LEU A 216 2.26 1.51 -9.82
C LEU A 216 0.72 1.45 -9.79
N SER A 217 0.11 0.78 -10.77
CA SER A 217 -1.37 0.72 -10.88
C SER A 217 -1.89 0.04 -9.60
N ASP A 218 -1.43 -1.12 -9.28
CA ASP A 218 -1.81 -1.77 -7.98
C ASP A 218 -1.56 -0.86 -6.75
N MET A 219 -0.45 -0.14 -6.81
CA MET A 219 -0.10 0.70 -5.61
C MET A 219 -1.09 1.85 -5.39
N VAL A 220 -1.56 2.51 -6.45
CA VAL A 220 -2.37 3.72 -6.35
C VAL A 220 -3.91 3.51 -6.62
N LYS A 221 -4.32 2.28 -6.91
CA LYS A 221 -5.71 1.96 -7.20
C LYS A 221 -6.49 2.16 -5.88
N GLY A 222 -7.38 3.16 -5.88
CA GLY A 222 -8.20 3.51 -4.71
C GLY A 222 -7.45 4.52 -3.87
N LEU A 223 -7.34 5.74 -4.37
CA LEU A 223 -6.68 6.86 -3.67
C LEU A 223 -7.52 8.10 -3.98
N GLY A 224 -8.25 8.55 -2.96
CA GLY A 224 -9.13 9.73 -3.07
C GLY A 224 -8.35 11.02 -3.39
N LYS A 225 -9.06 12.03 -3.90
CA LYS A 225 -8.61 13.44 -3.92
C LYS A 225 -7.95 13.77 -2.57
N ALA A 226 -8.66 13.62 -1.45
CA ALA A 226 -8.13 13.87 -0.09
C ALA A 226 -7.41 12.59 0.34
N ASP A 227 -6.14 12.47 -0.03
CA ASP A 227 -5.21 11.43 0.45
C ASP A 227 -3.82 12.04 0.18
N GLU A 228 -3.04 12.37 1.20
CA GLU A 228 -1.72 12.95 1.03
C GLU A 228 -0.86 11.68 0.87
N VAL A 229 -0.16 11.65 -0.24
CA VAL A 229 0.73 10.53 -0.65
C VAL A 229 2.12 11.14 -0.68
N THR A 230 3.08 10.49 -0.02
CA THR A 230 4.43 10.93 0.05
C THR A 230 5.21 9.93 -0.81
N ILE A 231 6.14 10.45 -1.58
CA ILE A 231 7.01 9.65 -2.47
C ILE A 231 8.46 10.11 -2.36
N LYS A 232 9.36 9.20 -1.97
CA LYS A 232 10.78 9.50 -1.86
C LYS A 232 11.52 8.70 -2.94
N PHE A 233 12.33 9.39 -3.75
CA PHE A 233 13.05 8.72 -4.83
C PHE A 233 14.50 9.21 -5.04
N GLY A 234 15.32 8.35 -5.64
CA GLY A 234 16.71 8.66 -5.91
C GLY A 234 17.06 8.30 -7.35
N ASN A 235 18.05 9.01 -7.92
CA ASN A 235 18.45 8.74 -9.30
C ASN A 235 18.62 7.26 -9.43
N GLU A 236 18.02 6.63 -10.45
CA GLU A 236 18.08 5.14 -10.62
C GLU A 236 18.19 4.41 -9.26
N MET A 237 17.21 4.66 -8.40
CA MET A 237 17.01 3.86 -7.16
C MET A 237 15.53 3.81 -6.72
N PRO A 238 15.14 2.82 -5.87
CA PRO A 238 13.74 2.55 -5.55
C PRO A 238 12.89 3.67 -4.97
N MET A 239 11.60 3.61 -5.28
CA MET A 239 10.65 4.58 -4.83
C MET A 239 10.09 4.11 -3.51
N GLN A 240 9.87 5.03 -2.58
CA GLN A 240 9.13 4.75 -1.37
C GLN A 240 7.84 5.57 -1.41
N MET A 241 6.72 4.89 -1.41
CA MET A 241 5.41 5.53 -1.43
C MET A 241 4.70 5.26 -0.13
N GLU A 242 4.19 6.30 0.46
CA GLU A 242 3.62 6.20 1.82
C GLU A 242 2.28 6.95 1.92
N TYR A 243 1.22 6.30 2.47
CA TYR A 243 0.03 7.03 2.82
C TYR A 243 -0.61 6.39 4.07
N TYR A 244 -1.44 7.18 4.72
CA TYR A 244 -1.93 6.83 6.05
C TYR A 244 -3.33 6.17 6.01
N ILE A 245 -3.56 5.32 7.02
CA ILE A 245 -4.77 4.59 7.24
C ILE A 245 -5.28 5.22 8.53
N ARG A 246 -6.46 5.81 8.48
CA ARG A 246 -7.05 6.54 9.64
C ARG A 246 -6.02 7.66 9.95
N ASP A 247 -5.50 7.83 11.17
CA ASP A 247 -4.39 8.82 11.39
C ASP A 247 -3.11 8.01 11.71
N GLU A 248 -3.19 7.12 12.73
CA GLU A 248 -2.10 6.37 13.27
C GLU A 248 -1.49 5.34 12.37
N GLY A 249 -2.30 4.62 11.59
CA GLY A 249 -1.83 3.57 10.71
C GLY A 249 -1.32 4.02 9.36
N ARG A 250 -0.46 3.16 8.78
CA ARG A 250 0.30 3.54 7.61
C ARG A 250 0.55 2.38 6.68
N LEU A 251 0.65 2.69 5.39
CA LEU A 251 1.07 1.74 4.38
C LEU A 251 2.25 2.32 3.55
N ILE A 252 3.32 1.55 3.48
CA ILE A 252 4.52 1.97 2.75
C ILE A 252 4.89 0.93 1.71
N PHE A 253 5.11 1.39 0.49
CA PHE A 253 5.50 0.50 -0.58
C PHE A 253 6.89 0.85 -1.09
N LEU A 254 7.76 -0.13 -1.13
CA LEU A 254 9.11 0.07 -1.62
C LEU A 254 9.11 -0.56 -2.99
N LEU A 255 9.44 0.22 -4.01
CA LEU A 255 9.41 -0.30 -5.38
C LEU A 255 10.76 -0.11 -6.06
N ALA A 256 11.39 -1.24 -6.46
CA ALA A 256 12.62 -1.25 -7.23
C ALA A 256 12.34 -0.59 -8.59
N PRO A 257 13.36 0.03 -9.21
CA PRO A 257 13.21 0.80 -10.41
C PRO A 257 13.67 0.06 -11.65
N ARG A 258 13.58 0.73 -12.80
CA ARG A 258 13.99 0.15 -14.07
C ARG A 258 15.36 0.67 -14.50
N VAL A 259 16.18 -0.24 -15.04
CA VAL A 259 17.53 0.10 -15.51
C VAL A 259 18.32 0.88 -14.46
N LYS B 2 14.30 0.45 -18.70
CA LYS B 2 13.68 -0.78 -19.30
C LYS B 2 14.01 -2.07 -18.53
N ARG B 3 15.28 -2.22 -18.13
CA ARG B 3 15.80 -3.42 -17.43
C ARG B 3 15.32 -3.51 -15.98
N VAL B 4 14.39 -4.42 -15.67
CA VAL B 4 13.83 -4.46 -14.30
C VAL B 4 14.73 -5.28 -13.44
N ILE B 5 15.27 -4.64 -12.39
CA ILE B 5 16.13 -5.28 -11.40
C ILE B 5 15.33 -5.66 -10.15
N SER B 6 16.03 -6.10 -9.12
CA SER B 6 15.44 -6.55 -7.89
C SER B 6 15.79 -5.58 -6.80
N LEU B 7 14.98 -5.64 -5.73
CA LEU B 7 15.11 -4.82 -4.51
C LEU B 7 16.30 -5.22 -3.66
N GLU B 8 16.72 -6.49 -3.80
CA GLU B 8 17.75 -7.10 -2.96
C GLU B 8 19.06 -6.28 -3.02
N GLU B 9 19.41 -5.71 -4.17
CA GLU B 9 20.60 -4.86 -4.34
C GLU B 9 20.61 -3.40 -3.88
N PHE B 10 19.93 -3.09 -2.81
CA PHE B 10 19.82 -1.75 -2.32
C PHE B 10 19.66 -1.95 -0.87
#